data_6Q8H
#
_entry.id   6Q8H
#
_cell.length_a   131.522
_cell.length_b   131.522
_cell.length_c   49.920
_cell.angle_alpha   90.000
_cell.angle_beta   90.000
_cell.angle_gamma   120.000
#
_symmetry.space_group_name_H-M   'P 62 2 2'
#
loop_
_entity.id
_entity.type
_entity.pdbx_description
1 polymer 'Fucose-binding lectin'
2 polymer SB10
3 non-polymer 'CALCIUM ION'
4 non-polymer '3,7-anhydro-2,8-dideoxy-L-glycero-D-gluco-octonic acid'
5 non-polymer 'AMINO GROUP'
6 water water
#
loop_
_entity_poly.entity_id
_entity_poly.type
_entity_poly.pdbx_seq_one_letter_code
_entity_poly.pdbx_strand_id
1 'polypeptide(L)'
;ATQGVFTLPANTRFGVTAFANSSGTQTVNVLVNNETAATFSGQSTNNAVIGTQVLNSGSSGKVQVQVSVNGRPSDLVSAQ
VILTNELNFALVGSEDGTDNDYNDAVVVINWPLG
;
A
2 'polypeptide(D)' (DLE)(DLE)(DLY)(DAL)(DLE)(DLY)(DLY)(DLE)(DAL)(DLY)(DLY)(DTY)(DLY) B,C
#
loop_
_chem_comp.id
_chem_comp.type
_chem_comp.name
_chem_comp.formula
CA non-polymer 'CALCIUM ION' 'Ca 2'
NH2 non-polymer 'AMINO GROUP' 'H2 N'
ZDC D-saccharide '3,7-anhydro-2,8-dideoxy-L-glycero-D-gluco-octonic acid' 'C8 H14 O6'
#
# COMPACT_ATOMS: atom_id res chain seq x y z
N ALA A 1 -0.33 13.89 -10.07
CA ALA A 1 1.11 13.86 -9.85
C ALA A 1 1.60 12.48 -9.48
N THR A 2 2.87 12.23 -9.79
CA THR A 2 3.51 10.98 -9.40
C THR A 2 3.49 10.84 -7.88
N GLN A 3 3.20 9.62 -7.41
CA GLN A 3 3.15 9.33 -5.98
C GLN A 3 3.93 8.05 -5.71
N GLY A 4 4.41 7.93 -4.48
CA GLY A 4 5.11 6.74 -4.06
C GLY A 4 6.55 6.65 -4.49
N VAL A 5 7.14 7.75 -4.97
CA VAL A 5 8.54 7.81 -5.39
C VAL A 5 9.28 8.72 -4.43
N PHE A 6 10.40 8.26 -3.88
CA PHE A 6 11.14 9.01 -2.88
C PHE A 6 12.62 8.98 -3.19
N THR A 7 13.29 10.12 -2.99
CA THR A 7 14.74 10.20 -3.08
C THR A 7 15.32 10.10 -1.67
N LEU A 8 15.99 9.02 -1.38
CA LEU A 8 16.67 8.82 -0.13
C LEU A 8 18.13 9.20 -0.27
N PRO A 9 18.83 9.49 0.83
CA PRO A 9 20.29 9.60 0.74
C PRO A 9 20.87 8.31 0.20
N ALA A 10 21.91 8.43 -0.61
CA ALA A 10 22.49 7.25 -1.24
C ALA A 10 23.08 6.32 -0.20
N ASN A 11 23.07 5.03 -0.51
CA ASN A 11 23.79 4.00 0.26
C ASN A 11 23.42 4.01 1.75
N THR A 12 22.11 4.12 2.03
CA THR A 12 21.60 4.27 3.38
C THR A 12 20.58 3.18 3.66
N ARG A 13 20.67 2.54 4.82
CA ARG A 13 19.67 1.56 5.20
C ARG A 13 18.37 2.24 5.55
N PHE A 14 17.26 1.63 5.14
CA PHE A 14 15.95 2.12 5.51
C PHE A 14 15.04 0.94 5.80
N GLY A 15 14.02 1.20 6.60
CA GLY A 15 13.00 0.21 6.91
C GLY A 15 11.80 0.45 6.00
N VAL A 16 11.16 -0.65 5.59
CA VAL A 16 9.88 -0.55 4.88
C VAL A 16 8.93 -1.57 5.48
N THR A 17 7.72 -1.12 5.81
CA THR A 17 6.72 -1.93 6.49
C THR A 17 5.38 -1.66 5.85
N ALA A 18 4.59 -2.71 5.63
CA ALA A 18 3.28 -2.56 5.01
C ALA A 18 2.19 -3.14 5.91
N PHE A 19 1.04 -2.46 5.90
CA PHE A 19 -0.17 -2.85 6.61
C PHE A 19 -1.30 -3.00 5.60
N ALA A 20 -2.23 -3.91 5.87
CA ALA A 20 -3.37 -4.14 4.99
C ALA A 20 -4.68 -3.82 5.71
N ASN A 21 -5.60 -3.15 4.98
CA ASN A 21 -6.94 -2.80 5.49
C ASN A 21 -7.91 -2.87 4.31
N SER A 22 -8.21 -4.08 3.84
CA SER A 22 -9.05 -4.24 2.66
C SER A 22 -9.47 -5.69 2.52
N SER A 23 -10.63 -5.91 1.87
CA SER A 23 -10.98 -7.26 1.47
C SER A 23 -10.04 -7.77 0.37
N GLY A 24 -9.40 -6.87 -0.37
CA GLY A 24 -8.52 -7.29 -1.44
C GLY A 24 -7.14 -7.68 -0.91
N THR A 25 -6.62 -8.80 -1.42
CA THR A 25 -5.24 -9.19 -1.10
C THR A 25 -4.27 -8.21 -1.73
N GLN A 26 -3.42 -7.61 -0.89
CA GLN A 26 -2.51 -6.55 -1.31
C GLN A 26 -1.16 -7.14 -1.70
N THR A 27 -0.60 -6.63 -2.80
CA THR A 27 0.79 -6.90 -3.18
C THR A 27 1.52 -5.58 -3.21
N VAL A 28 2.56 -5.47 -2.38
CA VAL A 28 3.36 -4.26 -2.26
C VAL A 28 4.73 -4.57 -2.83
N ASN A 29 5.14 -3.82 -3.85
CA ASN A 29 6.46 -3.97 -4.45
C ASN A 29 7.29 -2.74 -4.11
N VAL A 30 8.52 -2.97 -3.66
CA VAL A 30 9.45 -1.90 -3.32
C VAL A 30 10.59 -1.98 -4.32
N LEU A 31 10.76 -0.93 -5.12
CA LEU A 31 11.82 -0.86 -6.11
C LEU A 31 12.90 0.08 -5.61
N VAL A 32 14.16 -0.36 -5.73
CA VAL A 32 15.32 0.47 -5.50
C VAL A 32 16.06 0.55 -6.82
N ASN A 33 16.28 1.77 -7.32
CA ASN A 33 16.99 1.97 -8.59
C ASN A 33 16.26 1.25 -9.72
N ASN A 34 14.93 1.26 -9.67
CA ASN A 34 14.03 0.70 -10.67
C ASN A 34 14.04 -0.82 -10.71
N GLU A 35 14.59 -1.48 -9.69
CA GLU A 35 14.61 -2.94 -9.61
C GLU A 35 13.96 -3.39 -8.33
N THR A 36 13.13 -4.43 -8.42
CA THR A 36 12.43 -4.94 -7.24
C THR A 36 13.43 -5.37 -6.18
N ALA A 37 13.27 -4.80 -4.98
CA ALA A 37 14.10 -5.16 -3.83
C ALA A 37 13.32 -5.86 -2.73
N ALA A 38 12.00 -5.71 -2.70
CA ALA A 38 11.18 -6.43 -1.72
C ALA A 38 9.76 -6.50 -2.26
N THR A 39 9.04 -7.53 -1.82
CA THR A 39 7.65 -7.75 -2.20
C THR A 39 6.91 -8.32 -1.00
N PHE A 40 5.84 -7.66 -0.58
CA PHE A 40 4.98 -8.13 0.51
C PHE A 40 3.62 -8.46 -0.07
N SER A 41 2.99 -9.52 0.43
CA SER A 41 1.62 -9.81 0.06
C SER A 41 0.86 -10.31 1.28
N GLY A 42 -0.40 -9.89 1.40
CA GLY A 42 -1.23 -10.38 2.49
C GLY A 42 -2.61 -9.77 2.40
N GLN A 43 -3.50 -10.31 3.22
CA GLN A 43 -4.88 -9.82 3.26
C GLN A 43 -5.30 -9.63 4.71
N SER A 44 -5.88 -8.47 5.01
CA SER A 44 -6.34 -8.18 6.36
C SER A 44 -7.25 -6.97 6.31
N THR A 45 -8.27 -6.97 7.18
CA THR A 45 -9.07 -5.77 7.42
C THR A 45 -8.82 -5.21 8.82
N ASN A 46 -7.75 -5.66 9.47
CA ASN A 46 -7.44 -5.23 10.84
C ASN A 46 -6.01 -4.73 10.98
N ASN A 47 -5.47 -4.12 9.91
CA ASN A 47 -4.16 -3.46 9.95
C ASN A 47 -3.00 -4.43 10.21
N ALA A 48 -3.14 -5.69 9.81
CA ALA A 48 -2.07 -6.64 10.02
C ALA A 48 -0.82 -6.20 9.27
N VAL A 49 0.34 -6.41 9.88
CA VAL A 49 1.60 -6.22 9.18
C VAL A 49 1.75 -7.33 8.16
N ILE A 50 1.75 -6.98 6.86
CA ILE A 50 1.95 -7.99 5.83
C ILE A 50 3.40 -8.09 5.39
N GLY A 51 4.27 -7.22 5.89
CA GLY A 51 5.69 -7.38 5.64
C GLY A 51 6.49 -6.26 6.28
N THR A 52 7.74 -6.57 6.65
CA THR A 52 8.66 -5.54 7.13
C THR A 52 10.06 -6.01 6.81
N GLN A 53 10.92 -5.08 6.41
CA GLN A 53 12.23 -5.47 5.89
C GLN A 53 13.16 -4.27 5.95
N VAL A 54 14.46 -4.56 6.03
CA VAL A 54 15.50 -3.55 5.96
C VAL A 54 16.14 -3.62 4.58
N LEU A 55 16.21 -2.48 3.88
CA LEU A 55 16.82 -2.41 2.57
C LEU A 55 17.91 -1.36 2.55
N ASN A 56 18.68 -1.34 1.46
CA ASN A 56 19.67 -0.31 1.23
C ASN A 56 19.26 0.54 0.02
N SER A 57 19.32 1.86 0.17
CA SER A 57 18.93 2.75 -0.91
C SER A 57 19.89 2.71 -2.09
N GLY A 58 21.07 2.14 -1.95
CA GLY A 58 21.99 2.00 -3.08
C GLY A 58 22.53 3.33 -3.62
N SER A 59 23.21 3.21 -4.76
CA SER A 59 23.93 4.37 -5.30
C SER A 59 22.99 5.48 -5.77
N SER A 60 21.76 5.13 -6.20
CA SER A 60 20.83 6.12 -6.73
C SER A 60 19.97 6.80 -5.67
N GLY A 61 19.73 6.12 -4.55
CA GLY A 61 18.77 6.61 -3.56
C GLY A 61 17.32 6.60 -3.99
N LYS A 62 17.00 6.14 -5.20
CA LYS A 62 15.61 6.18 -5.67
C LYS A 62 14.85 4.98 -5.13
N VAL A 63 13.76 5.22 -4.41
CA VAL A 63 12.91 4.17 -3.87
C VAL A 63 11.49 4.42 -4.35
N GLN A 64 10.85 3.39 -4.88
CA GLN A 64 9.48 3.50 -5.39
C GLN A 64 8.63 2.38 -4.82
N VAL A 65 7.45 2.74 -4.32
CA VAL A 65 6.48 1.78 -3.80
C VAL A 65 5.37 1.63 -4.82
N GLN A 66 5.00 0.37 -5.12
CA GLN A 66 3.85 0.08 -5.96
C GLN A 66 2.91 -0.84 -5.19
N VAL A 67 1.61 -0.66 -5.40
CA VAL A 67 0.60 -1.48 -4.75
C VAL A 67 -0.41 -1.93 -5.80
N SER A 68 -0.72 -3.22 -5.81
CA SER A 68 -1.73 -3.75 -6.71
C SER A 68 -2.55 -4.81 -5.99
N VAL A 69 -3.75 -5.03 -6.51
CA VAL A 69 -4.61 -6.12 -6.04
C VAL A 69 -4.84 -7.03 -7.23
N ASN A 70 -4.30 -8.25 -7.16
CA ASN A 70 -4.39 -9.23 -8.23
C ASN A 70 -3.98 -8.64 -9.58
N GLY A 71 -2.87 -7.91 -9.58
CA GLY A 71 -2.35 -7.33 -10.80
C GLY A 71 -2.89 -5.97 -11.16
N ARG A 72 -3.94 -5.50 -10.49
CA ARG A 72 -4.56 -4.21 -10.80
C ARG A 72 -3.93 -3.13 -9.93
N PRO A 73 -3.25 -2.13 -10.52
CA PRO A 73 -2.61 -1.10 -9.69
C PRO A 73 -3.62 -0.27 -8.90
N SER A 74 -3.33 -0.10 -7.61
CA SER A 74 -4.10 0.80 -6.76
C SER A 74 -3.66 2.24 -6.99
N ASP A 75 -4.53 3.17 -6.65
CA ASP A 75 -4.20 4.58 -6.73
C ASP A 75 -3.44 4.98 -5.47
N LEU A 76 -2.31 5.67 -5.63
CA LEU A 76 -1.43 5.95 -4.51
C LEU A 76 -1.52 7.41 -4.06
N VAL A 77 -1.32 7.62 -2.75
CA VAL A 77 -1.07 8.94 -2.18
C VAL A 77 0.19 8.80 -1.32
N SER A 78 0.97 9.88 -1.25
CA SER A 78 2.23 9.78 -0.54
C SER A 78 2.73 11.16 -0.13
N ALA A 79 3.64 11.16 0.82
CA ALA A 79 4.40 12.35 1.22
C ALA A 79 5.59 11.91 2.04
N GLN A 80 6.55 12.82 2.19
CA GLN A 80 7.67 12.62 3.08
C GLN A 80 7.64 13.70 4.17
N VAL A 81 7.90 13.29 5.41
CA VAL A 81 7.95 14.19 6.56
C VAL A 81 9.28 13.99 7.26
N ILE A 82 9.92 15.10 7.66
CA ILE A 82 11.19 15.07 8.40
C ILE A 82 11.00 15.79 9.73
N LEU A 83 11.35 15.11 10.82
CA LEU A 83 11.26 15.66 12.17
C LEU A 83 12.65 15.96 12.72
N THR A 84 12.78 17.09 13.41
CA THR A 84 14.02 17.66 13.95
C THR A 84 15.20 17.53 12.98
N ASN A 85 14.92 17.70 11.68
CA ASN A 85 15.92 17.71 10.61
C ASN A 85 16.73 16.42 10.53
N GLU A 86 16.24 15.32 11.13
CA GLU A 86 17.00 14.08 11.20
C GLU A 86 16.18 12.83 10.85
N LEU A 87 14.94 12.78 11.35
CA LEU A 87 14.13 11.57 11.33
C LEU A 87 13.17 11.61 10.15
N ASN A 88 13.28 10.66 9.24
CA ASN A 88 12.53 10.71 7.99
C ASN A 88 11.47 9.61 7.92
N PHE A 89 10.27 10.01 7.48
CA PHE A 89 9.20 9.08 7.14
C PHE A 89 8.78 9.32 5.69
N ALA A 90 8.77 8.25 4.90
CA ALA A 90 8.15 8.27 3.58
C ALA A 90 6.89 7.43 3.68
N LEU A 91 5.74 8.06 3.42
CA LEU A 91 4.44 7.49 3.71
C LEU A 91 3.65 7.24 2.44
N VAL A 92 2.99 6.08 2.35
CA VAL A 92 2.19 5.73 1.18
C VAL A 92 0.85 5.20 1.65
N GLY A 93 -0.23 5.70 1.06
CA GLY A 93 -1.53 5.05 1.15
C GLY A 93 -1.98 4.62 -0.23
N SER A 94 -2.96 3.71 -0.31
CA SER A 94 -3.38 3.19 -1.60
C SER A 94 -4.86 2.86 -1.52
N GLU A 95 -5.54 3.02 -2.65
CA GLU A 95 -6.97 2.77 -2.76
C GLU A 95 -7.22 1.76 -3.87
N ASP A 96 -7.83 0.63 -3.54
CA ASP A 96 -8.14 -0.41 -4.52
C ASP A 96 -9.59 -0.40 -4.96
N GLY A 97 -10.41 0.52 -4.42
CA GLY A 97 -11.84 0.49 -4.68
C GLY A 97 -12.41 1.88 -4.86
N THR A 98 -13.59 2.12 -4.26
CA THR A 98 -14.31 3.37 -4.44
C THR A 98 -14.61 4.12 -3.16
N ASP A 99 -14.30 3.57 -1.99
CA ASP A 99 -14.64 4.27 -0.76
C ASP A 99 -13.61 5.30 -0.35
N ASN A 100 -12.43 5.30 -0.97
CA ASN A 100 -11.44 6.36 -0.80
C ASN A 100 -10.98 6.51 0.65
N ASP A 101 -10.83 5.40 1.37
CA ASP A 101 -10.16 5.51 2.65
C ASP A 101 -8.64 5.48 2.51
N TYR A 102 -8.13 5.02 1.36
CA TYR A 102 -6.71 5.05 1.02
C TYR A 102 -5.84 4.33 2.06
N ASN A 103 -6.42 3.38 2.79
CA ASN A 103 -5.65 2.61 3.74
C ASN A 103 -5.49 1.15 3.31
N ASP A 104 -5.84 0.83 2.07
CA ASP A 104 -5.99 -0.57 1.70
C ASP A 104 -4.68 -1.31 1.81
N ALA A 105 -3.60 -0.69 1.36
CA ALA A 105 -2.26 -1.00 1.83
C ALA A 105 -1.65 0.30 2.31
N VAL A 106 -1.07 0.29 3.50
CA VAL A 106 -0.37 1.43 4.07
C VAL A 106 1.09 1.05 4.17
N VAL A 107 1.97 1.89 3.61
CA VAL A 107 3.41 1.60 3.59
C VAL A 107 4.15 2.71 4.28
N VAL A 108 4.98 2.35 5.26
CA VAL A 108 5.81 3.30 5.98
C VAL A 108 7.27 2.95 5.71
N ILE A 109 8.01 3.93 5.20
CA ILE A 109 9.46 3.84 5.04
C ILE A 109 10.08 4.78 6.06
N ASN A 110 11.08 4.29 6.81
CA ASN A 110 11.68 5.16 7.81
C ASN A 110 13.20 5.04 7.76
N TRP A 111 13.88 6.17 8.00
CA TRP A 111 15.33 6.20 8.08
C TRP A 111 15.75 7.46 8.85
N PRO A 112 16.96 7.48 9.42
CA PRO A 112 17.95 6.39 9.41
C PRO A 112 17.61 5.31 10.42
N LEU A 113 18.30 4.20 10.29
CA LEU A 113 18.19 3.08 11.21
C LEU A 113 19.39 3.05 12.13
N GLY A 114 19.33 2.17 13.13
CA GLY A 114 20.48 1.84 13.94
C GLY A 114 20.64 2.69 15.20
N DLE B 1 -14.13 -4.21 -2.65
CA DLE B 1 -14.84 -5.41 -3.11
CB DLE B 1 -14.58 -5.63 -4.60
CG DLE B 1 -15.27 -6.84 -5.24
CD1 DLE B 1 -14.84 -8.11 -4.53
CD2 DLE B 1 -14.94 -6.90 -6.73
C DLE B 1 -16.33 -5.26 -2.85
O DLE B 1 -17.01 -6.22 -2.45
N DLE B 2 -16.85 -4.05 -3.07
CA DLE B 2 -18.27 -3.79 -2.88
CB DLE B 2 -18.61 -2.36 -3.31
CG DLE B 2 -20.10 -2.07 -3.14
CD1 DLE B 2 -20.88 -2.42 -4.40
CD2 DLE B 2 -20.30 -0.62 -2.74
C DLE B 2 -18.69 -4.01 -1.43
O DLE B 2 -19.73 -4.62 -1.16
N DLY B 3 -17.88 -3.51 -0.50
CA DLY B 3 -18.15 -3.70 0.92
C DLY B 3 -18.15 -5.17 1.34
O DLY B 3 -18.97 -5.59 2.14
CB DLY B 3 -17.18 -2.88 1.78
CG DLY B 3 -17.48 -1.39 1.81
CD DLY B 3 -16.47 -0.61 2.62
CE DLY B 3 -16.84 0.87 2.71
NZ DLY B 3 -15.79 1.68 3.43
N DAL B 4 -17.23 -5.94 0.76
CA DAL B 4 -17.18 -7.38 1.01
CB DAL B 4 -15.93 -7.99 0.36
C DAL B 4 -18.45 -8.07 0.48
O DAL B 4 -19.00 -8.98 1.12
N DLE B 5 -18.90 -7.60 -0.67
CA DLE B 5 -20.10 -8.11 -1.30
CB DLE B 5 -20.30 -7.43 -2.66
CG DLE B 5 -20.70 -8.29 -3.84
CD1 DLE B 5 -19.64 -8.16 -4.90
CD2 DLE B 5 -22.04 -7.84 -4.38
C DLE B 5 -21.32 -7.84 -0.43
O DLE B 5 -22.17 -8.72 -0.26
N DLY B 6 -21.39 -6.63 0.10
CA DLY B 6 -22.53 -6.25 0.94
C DLY B 6 -22.56 -7.08 2.22
O DLY B 6 -23.64 -7.44 2.71
CB DLY B 6 -22.50 -4.74 1.25
CG DLY B 6 -22.55 -3.87 0.01
CD DLY B 6 -23.89 -3.18 -0.15
CE DLY B 6 -23.89 -1.78 0.47
NZ DLY B 6 -23.37 -0.75 -0.48
N DLY B 7 -21.38 -7.38 2.78
CA DLY B 7 -21.31 -8.20 3.98
C DLY B 7 -21.73 -9.63 3.70
O DLY B 7 -22.41 -10.25 4.52
CB DLY B 7 -19.90 -8.18 4.58
CG DLY B 7 -19.69 -7.03 5.56
CD DLY B 7 -18.21 -6.71 5.72
CE DLY B 7 -18.00 -5.39 6.45
NZ DLY B 7 -18.01 -5.54 7.94
N DLE B 8 -21.33 -10.16 2.54
CA DLE B 8 -21.75 -11.51 2.13
CB DLE B 8 -21.09 -11.89 0.80
CG DLE B 8 -21.49 -13.21 0.12
CD1 DLE B 8 -22.75 -13.08 -0.75
CD2 DLE B 8 -20.34 -13.77 -0.72
C DLE B 8 -23.26 -11.58 2.01
O DLE B 8 -23.89 -12.52 2.52
N DAL B 9 -23.84 -10.58 1.35
CA DAL B 9 -25.29 -10.55 1.13
CB DAL B 9 -25.67 -9.42 0.20
C DAL B 9 -26.05 -10.43 2.45
O DAL B 9 -27.11 -11.03 2.62
N DLY B 10 -25.51 -9.64 3.37
CA DLY B 10 -26.16 -9.43 4.67
C DLY B 10 -26.16 -10.72 5.46
O DLY B 10 -27.19 -11.11 6.02
CB DLY B 10 -25.39 -8.35 5.45
CG DLY B 10 -26.04 -7.97 6.76
CD DLY B 10 -25.00 -7.60 7.79
CE DLY B 10 -25.61 -6.74 8.89
NZ DLY B 10 -26.05 -5.44 8.36
N DLY B 11 -25.02 -11.39 5.48
CA DLY B 11 -24.87 -12.66 6.17
C DLY B 11 -25.78 -13.72 5.56
O DLY B 11 -26.40 -14.51 6.28
CB DLY B 11 -23.41 -13.12 6.14
CG DLY B 11 -23.11 -14.37 6.95
CD DLY B 11 -21.63 -14.69 6.89
CE DLY B 11 -21.29 -15.92 7.73
NZ DLY B 11 -19.80 -16.18 7.70
N DTY B 12 -25.86 -13.72 4.23
CA DTY B 12 -26.68 -14.68 3.50
C DTY B 12 -28.18 -14.48 3.78
O DTY B 12 -28.93 -15.44 3.99
CB DTY B 12 -26.40 -14.60 1.98
CG DTY B 12 -27.19 -15.59 1.14
CD1 DTY B 12 -28.46 -15.28 0.69
CD2 DTY B 12 -26.63 -16.83 0.79
CE1 DTY B 12 -29.19 -16.20 -0.07
CE2 DTY B 12 -27.36 -17.74 0.03
CZ DTY B 12 -28.63 -17.41 -0.40
OH DTY B 12 -29.36 -18.29 -1.17
N DLY B 13 -28.64 -13.23 3.76
CA DLY B 13 -30.05 -12.95 3.97
C DLY B 13 -30.46 -13.21 5.42
O DLY B 13 -31.63 -13.50 5.70
CB DLY B 13 -30.40 -11.53 3.54
CG DLY B 13 -30.32 -11.30 2.04
CD DLY B 13 -30.48 -9.83 1.69
CE DLY B 13 -30.40 -9.59 0.20
NZ DLY B 13 -30.49 -8.13 -0.12
N DLE C 1 -30.06 -14.34 -8.80
CA DLE C 1 -28.61 -14.20 -8.82
CB DLE C 1 -27.91 -15.52 -8.49
CG DLE C 1 -26.43 -15.45 -8.09
CD1 DLE C 1 -25.59 -14.77 -9.17
CD2 DLE C 1 -25.87 -16.82 -7.77
C DLE C 1 -28.34 -13.17 -7.75
O DLE C 1 -27.46 -12.32 -7.88
N DLE C 2 -29.15 -13.24 -6.70
CA DLE C 2 -29.13 -12.29 -5.60
CB DLE C 2 -30.00 -12.82 -4.46
CG DLE C 2 -29.93 -12.15 -3.08
CD1 DLE C 2 -28.51 -12.15 -2.54
CD2 DLE C 2 -30.86 -12.87 -2.11
C DLE C 2 -29.65 -10.93 -6.08
O DLE C 2 -29.17 -9.88 -5.64
N DLY C 3 -30.62 -10.97 -6.99
CA DLY C 3 -31.17 -9.74 -7.55
C DLY C 3 -30.19 -9.06 -8.51
O DLY C 3 -30.12 -7.84 -8.57
CB DLY C 3 -32.50 -10.01 -8.25
N DAL C 4 -29.42 -9.87 -9.24
CA DAL C 4 -28.39 -9.32 -10.12
CB DAL C 4 -27.86 -10.40 -11.07
C DAL C 4 -27.26 -8.72 -9.32
O DAL C 4 -26.55 -7.82 -9.79
N DLE C 5 -27.06 -9.22 -8.10
CA DLE C 5 -26.04 -8.67 -7.21
CB DLE C 5 -25.74 -9.63 -6.07
CG DLE C 5 -25.01 -10.92 -6.45
CD1 DLE C 5 -23.65 -10.62 -7.04
CD2 DLE C 5 -24.90 -11.83 -5.24
C DLE C 5 -26.45 -7.31 -6.66
O DLE C 5 -25.63 -6.40 -6.57
N DLY C 6 -27.72 -7.18 -6.29
CA DLY C 6 -28.26 -5.89 -5.87
C DLY C 6 -28.11 -4.90 -7.02
O DLY C 6 -27.78 -3.73 -6.81
CB DLY C 6 -29.73 -6.00 -5.48
CG DLY C 6 -29.97 -6.20 -3.99
CD DLY C 6 -31.33 -5.66 -3.58
CE DLY C 6 -31.41 -4.16 -3.85
NZ DLY C 6 -32.76 -3.59 -3.54
N DLY C 7 -28.34 -5.37 -8.24
CA DLY C 7 -28.19 -4.54 -9.43
C DLY C 7 -26.73 -4.18 -9.65
O DLY C 7 -26.42 -3.04 -10.04
CB DLY C 7 -28.77 -5.26 -10.66
N DLE C 8 -25.82 -5.13 -9.42
CA DLE C 8 -24.40 -4.86 -9.56
CB DLE C 8 -23.59 -6.16 -9.52
CG DLE C 8 -23.28 -6.82 -10.87
CD1 DLE C 8 -22.84 -5.77 -11.87
CD2 DLE C 8 -22.20 -7.87 -10.68
C DLE C 8 -23.91 -3.92 -8.47
O DLE C 8 -23.02 -3.10 -8.69
N DAL C 9 -24.49 -4.05 -7.28
CA DAL C 9 -24.13 -3.21 -6.14
CB DAL C 9 -24.75 -3.76 -4.86
C DAL C 9 -24.54 -1.77 -6.36
O DAL C 9 -23.75 -0.85 -6.15
N DLY C 10 -25.79 -1.58 -6.80
CA DLY C 10 -26.31 -0.23 -7.04
C DLY C 10 -25.61 0.44 -8.21
O DLY C 10 -25.55 1.66 -8.30
CB DLY C 10 -27.83 -0.29 -7.29
N DLY C 11 -25.09 -0.38 -9.12
CA DLY C 11 -24.46 0.12 -10.35
C DLY C 11 -23.00 0.53 -10.14
O DLY C 11 -22.42 1.24 -10.97
CB DLY C 11 -24.62 -0.93 -11.46
CG DLY C 11 -23.44 -1.14 -12.40
CD DLY C 11 -23.70 -0.54 -13.77
CE DLY C 11 -23.59 -1.59 -14.87
NZ DLY C 11 -22.20 -2.13 -15.00
N DTY C 12 -22.41 0.11 -9.02
CA DTY C 12 -21.01 0.44 -8.74
C DTY C 12 -20.79 1.31 -7.49
O DTY C 12 -19.66 1.59 -7.11
CB DTY C 12 -20.15 -0.83 -8.68
CG DTY C 12 -19.79 -1.36 -10.05
CD1 DTY C 12 -20.62 -2.24 -10.73
CD2 DTY C 12 -18.61 -0.96 -10.68
CE1 DTY C 12 -20.29 -2.72 -11.99
CE2 DTY C 12 -18.27 -1.44 -11.93
CZ DTY C 12 -19.11 -2.32 -12.59
OH DTY C 12 -18.78 -2.78 -13.84
N DLY C 13 -21.89 1.76 -6.87
CA DLY C 13 -21.81 2.74 -5.80
C DLY C 13 -23.03 3.67 -5.86
O DLY C 13 -22.93 4.85 -5.55
CB DLY C 13 -21.74 2.07 -4.43
CG DLY C 13 -20.89 2.82 -3.39
CD DLY C 13 -21.63 4.00 -2.80
CE DLY C 13 -22.89 3.57 -2.06
NZ DLY C 13 -24.12 4.20 -2.62
CA CA D . -10.43 1.50 0.03
CA CA E . -9.82 -0.03 3.44
C1 ZDC F . -13.26 -3.12 2.15
C1M ZDC F . -13.41 -4.14 3.29
C2 ZDC F . -12.67 -1.77 2.65
C3 ZDC F . -12.40 -0.91 1.42
C4 ZDC F . -11.53 -1.61 0.40
C5 ZDC F . -12.39 -2.79 -0.03
C6 ZDC F . -13.50 -2.63 -1.00
C7 ZDC F . -14.26 -3.90 -1.39
O2 ZDC F . -11.38 -2.02 3.26
O3 ZDC F . -11.69 0.28 1.84
O4 ZDC F . -11.27 -0.70 -0.69
O5 ZDC F . -12.46 -3.68 1.07
O7A ZDC F . -14.85 -4.40 -0.45
N NH2 G . -29.50 -13.10 6.33
C1 ZDC H . -34.58 -14.19 -11.29
C1M ZDC H . -34.95 -14.37 -12.76
C2 ZDC H . -35.63 -14.75 -10.32
C3 ZDC H . -35.17 -14.35 -8.92
C4 ZDC H . -33.73 -14.68 -8.59
C5 ZDC H . -32.81 -14.32 -9.77
C6 ZDC H . -31.95 -13.12 -9.81
C7 ZDC H . -30.44 -13.30 -9.65
O2 ZDC H . -35.56 -16.19 -10.35
O3 ZDC H . -35.97 -15.12 -7.99
O4 ZDC H . -33.39 -13.89 -7.41
O5 ZDC H . -33.32 -14.84 -11.00
O7A ZDC H . -29.70 -12.58 -10.24
N NH2 I . -24.16 3.10 -6.24
#